data_5H9M
#
_entry.id   5H9M
#
_cell.length_a   53.624
_cell.length_b   68.753
_cell.length_c   102.884
_cell.angle_alpha   90.00
_cell.angle_beta   90.00
_cell.angle_gamma   90.00
#
_symmetry.space_group_name_H-M   'P 21 21 21'
#
loop_
_entity.id
_entity.type
_entity.pdbx_description
1 polymer 'E3 ubiquitin-protein ligase SIAH2'
2 non-polymer 'ZINC ION'
3 non-polymer 'CHLORIDE ION'
4 non-polymer 'UNKNOWN ATOM OR ION'
5 non-polymer 'PENTAETHYLENE GLYCOL'
6 water water
#
_entity_poly.entity_id   1
_entity_poly.type   'polypeptide(L)'
_entity_poly.pdbx_seq_one_letter_code
;GASAVLFPCKYATTGCSLTLHHTEKPEHEDICEYRPYSCPCPGASCKWQGSLEAVMSHLMHAHKSITTLQGEDIVFLATD
INLPGAVDWVMMQSCFGHHFMLVLEKQEKYEGHQQFFAIVLLIGTRKQAENFAYRLELNGNRRRLTWEATPRSIHDGVAA
AIMNSDCLVFDTAIAHLFADNGNLGINVTIST
;
_entity_poly.pdbx_strand_id   A,B
#
# COMPACT_ATOMS: atom_id res chain seq x y z
N SER A 3 -31.19 -37.14 8.44
CA SER A 3 -30.24 -37.42 7.31
C SER A 3 -29.83 -36.11 6.62
N ALA A 4 -28.60 -36.08 6.12
CA ALA A 4 -28.08 -34.88 5.46
C ALA A 4 -28.73 -34.65 4.09
N VAL A 5 -28.48 -33.47 3.53
CA VAL A 5 -28.98 -33.11 2.20
C VAL A 5 -27.80 -33.24 1.23
N LEU A 6 -28.00 -33.98 0.14
CA LEU A 6 -26.96 -34.23 -0.87
C LEU A 6 -27.40 -33.64 -2.20
N PHE A 7 -26.49 -32.96 -2.90
CA PHE A 7 -26.81 -32.34 -4.19
C PHE A 7 -25.80 -32.81 -5.25
N PRO A 8 -26.27 -32.96 -6.52
CA PRO A 8 -25.28 -33.25 -7.57
C PRO A 8 -24.30 -32.11 -7.75
N CYS A 9 -23.07 -32.42 -8.13
CA CYS A 9 -22.13 -31.43 -8.61
C CYS A 9 -22.72 -30.54 -9.71
N LYS A 10 -22.42 -29.24 -9.64
CA LYS A 10 -22.71 -28.26 -10.67
C LYS A 10 -22.25 -28.69 -12.07
N TYR A 11 -21.23 -29.55 -12.15
CA TYR A 11 -20.63 -29.96 -13.43
C TYR A 11 -21.08 -31.36 -13.86
N ALA A 12 -22.25 -31.79 -13.36
CA ALA A 12 -22.89 -33.01 -13.82
C ALA A 12 -23.06 -33.03 -15.33
N THR A 13 -23.48 -31.90 -15.91
CA THR A 13 -23.71 -31.77 -17.36
C THR A 13 -22.46 -31.82 -18.23
N THR A 14 -21.27 -31.61 -17.65
CA THR A 14 -20.02 -31.85 -18.38
C THR A 14 -19.29 -33.09 -17.85
N GLY A 15 -20.04 -34.02 -17.25
CA GLY A 15 -19.51 -35.35 -16.96
C GLY A 15 -19.40 -35.80 -15.52
N CYS A 16 -19.56 -34.90 -14.54
CA CYS A 16 -19.37 -35.31 -13.15
C CYS A 16 -20.57 -36.12 -12.65
N SER A 17 -20.30 -37.28 -12.09
CA SER A 17 -21.38 -38.15 -11.61
C SER A 17 -21.55 -38.09 -10.09
N LEU A 18 -20.78 -37.23 -9.42
CA LEU A 18 -20.78 -37.19 -7.95
C LEU A 18 -22.02 -36.52 -7.42
N THR A 19 -22.56 -37.08 -6.34
CA THR A 19 -23.55 -36.40 -5.51
C THR A 19 -22.87 -36.16 -4.17
N LEU A 20 -23.00 -34.94 -3.66
CA LEU A 20 -22.20 -34.45 -2.58
C LEU A 20 -23.05 -33.94 -1.42
N HIS A 21 -22.59 -34.18 -0.19
CA HIS A 21 -23.12 -33.48 0.98
C HIS A 21 -23.01 -31.99 0.71
N HIS A 22 -24.07 -31.25 0.98
CA HIS A 22 -24.09 -29.82 0.66
C HIS A 22 -22.88 -29.03 1.20
N THR A 23 -22.40 -29.39 2.38
CA THR A 23 -21.22 -28.77 2.98
C THR A 23 -19.92 -29.06 2.23
N GLU A 24 -19.84 -30.21 1.57
CA GLU A 24 -18.65 -30.62 0.80
C GLU A 24 -18.69 -30.16 -0.67
N LYS A 25 -19.85 -29.69 -1.13
CA LYS A 25 -20.06 -29.32 -2.53
C LYS A 25 -19.10 -28.23 -3.03
N PRO A 26 -18.95 -27.11 -2.27
CA PRO A 26 -18.06 -26.03 -2.77
C PRO A 26 -16.60 -26.47 -2.89
N GLU A 27 -16.11 -27.17 -1.88
CA GLU A 27 -14.75 -27.76 -1.90
C GLU A 27 -14.56 -28.69 -3.11
N HIS A 28 -15.54 -29.55 -3.37
CA HIS A 28 -15.44 -30.43 -4.53
C HIS A 28 -15.49 -29.64 -5.82
N GLU A 29 -16.41 -28.69 -5.93
CA GLU A 29 -16.57 -27.93 -7.18
C GLU A 29 -15.33 -27.09 -7.54
N ASP A 30 -14.61 -26.65 -6.51
CA ASP A 30 -13.28 -26.01 -6.69
C ASP A 30 -12.33 -26.90 -7.52
N ILE A 31 -12.28 -28.17 -7.16
CA ILE A 31 -11.26 -29.09 -7.71
C ILE A 31 -11.78 -30.05 -8.76
N CYS A 32 -13.08 -29.99 -9.08
CA CYS A 32 -13.69 -30.95 -9.99
C CYS A 32 -13.02 -30.94 -11.35
N GLU A 33 -12.66 -32.13 -11.85
CA GLU A 33 -11.96 -32.25 -13.15
C GLU A 33 -12.86 -31.91 -14.34
N TYR A 34 -14.17 -31.95 -14.15
CA TYR A 34 -15.13 -31.63 -15.20
C TYR A 34 -15.53 -30.15 -15.24
N ARG A 35 -14.90 -29.31 -14.41
CA ARG A 35 -15.18 -27.91 -14.43
C ARG A 35 -14.69 -27.23 -15.71
N PRO A 36 -15.58 -26.55 -16.44
CA PRO A 36 -15.08 -25.71 -17.54
C PRO A 36 -14.49 -24.38 -17.08
N TYR A 37 -13.33 -24.03 -17.65
CA TYR A 37 -12.65 -22.78 -17.33
C TYR A 37 -12.77 -21.87 -18.53
N SER A 38 -13.01 -20.58 -18.27
N SER A 38 -13.03 -20.59 -18.28
CA SER A 38 -12.99 -19.55 -19.28
CA SER A 38 -12.99 -19.58 -19.34
C SER A 38 -11.56 -19.06 -19.47
C SER A 38 -11.57 -19.07 -19.48
N CYS A 39 -11.33 -18.31 -20.53
CA CYS A 39 -10.01 -17.76 -20.79
C CYS A 39 -9.72 -16.72 -19.72
N PRO A 40 -8.60 -16.85 -18.99
CA PRO A 40 -8.31 -15.88 -17.93
C PRO A 40 -7.62 -14.59 -18.36
N CYS A 41 -7.18 -14.48 -19.61
CA CYS A 41 -6.48 -13.29 -20.12
C CYS A 41 -7.36 -12.03 -20.05
N PRO A 42 -6.91 -10.99 -19.29
N PRO A 42 -7.06 -11.09 -19.11
CA PRO A 42 -7.55 -9.66 -19.34
CA PRO A 42 -7.98 -10.01 -18.71
C PRO A 42 -7.49 -8.99 -20.71
C PRO A 42 -8.71 -9.24 -19.81
N GLY A 43 -8.42 -8.07 -20.96
N GLY A 43 -7.95 -8.69 -20.75
CA GLY A 43 -8.36 -7.20 -22.14
CA GLY A 43 -8.50 -7.71 -21.69
C GLY A 43 -8.76 -7.90 -23.43
C GLY A 43 -9.20 -8.32 -22.88
N ALA A 44 -8.94 -9.21 -23.36
N ALA A 44 -8.74 -9.47 -23.32
CA ALA A 44 -9.19 -10.00 -24.55
CA ALA A 44 -9.16 -10.05 -24.60
C ALA A 44 -10.65 -10.43 -24.63
C ALA A 44 -10.65 -10.40 -24.63
N SER A 45 -11.26 -10.27 -25.81
CA SER A 45 -12.64 -10.71 -26.05
C SER A 45 -12.63 -12.17 -26.51
N CYS A 46 -12.06 -13.04 -25.70
CA CYS A 46 -11.78 -14.41 -26.10
C CYS A 46 -12.87 -15.30 -25.57
N LYS A 47 -13.45 -16.12 -26.42
CA LYS A 47 -14.57 -17.00 -26.04
C LYS A 47 -14.16 -18.44 -25.70
N TRP A 48 -12.85 -18.70 -25.62
CA TRP A 48 -12.36 -20.05 -25.35
C TRP A 48 -12.88 -20.58 -24.02
N GLN A 49 -13.25 -21.86 -24.02
CA GLN A 49 -13.51 -22.59 -22.77
C GLN A 49 -12.81 -23.91 -22.82
N GLY A 50 -12.34 -24.40 -21.69
CA GLY A 50 -11.66 -25.68 -21.66
C GLY A 50 -11.37 -26.17 -20.27
N SER A 51 -10.74 -27.32 -20.19
CA SER A 51 -10.37 -27.89 -18.90
C SER A 51 -9.15 -27.14 -18.31
N LEU A 52 -8.98 -27.29 -17.00
CA LEU A 52 -7.84 -26.70 -16.28
C LEU A 52 -6.51 -27.03 -16.95
N GLU A 53 -6.32 -28.29 -17.32
CA GLU A 53 -5.09 -28.71 -17.95
C GLU A 53 -4.80 -28.12 -19.35
N ALA A 54 -5.77 -27.47 -19.97
CA ALA A 54 -5.61 -26.81 -21.25
C ALA A 54 -5.40 -25.28 -21.15
N VAL A 55 -5.58 -24.67 -19.97
CA VAL A 55 -5.53 -23.21 -19.83
C VAL A 55 -4.18 -22.61 -20.23
N MET A 56 -3.11 -23.10 -19.61
CA MET A 56 -1.77 -22.58 -19.91
C MET A 56 -1.42 -22.74 -21.39
N SER A 57 -1.72 -23.91 -21.94
CA SER A 57 -1.55 -24.16 -23.37
C SER A 57 -2.27 -23.12 -24.21
N HIS A 58 -3.54 -22.87 -23.88
CA HIS A 58 -4.30 -21.86 -24.60
C HIS A 58 -3.61 -20.47 -24.55
N LEU A 59 -3.16 -20.07 -23.36
CA LEU A 59 -2.48 -18.81 -23.23
C LEU A 59 -1.21 -18.78 -24.08
N MET A 60 -0.47 -19.88 -24.08
CA MET A 60 0.81 -19.93 -24.80
C MET A 60 0.69 -19.89 -26.31
N HIS A 61 -0.39 -20.48 -26.84
CA HIS A 61 -0.53 -20.64 -28.29
C HIS A 61 -1.49 -19.63 -28.91
N ALA A 62 -2.52 -19.21 -28.17
CA ALA A 62 -3.52 -18.29 -28.67
C ALA A 62 -3.33 -16.85 -28.22
N HIS A 63 -2.55 -16.63 -27.16
CA HIS A 63 -2.23 -15.30 -26.69
C HIS A 63 -0.72 -15.09 -26.69
N LYS A 64 -0.16 -15.06 -27.89
CA LYS A 64 1.31 -15.09 -28.01
C LYS A 64 2.02 -13.84 -27.48
N SER A 65 1.32 -12.73 -27.32
N SER A 65 1.30 -12.73 -27.32
CA SER A 65 1.94 -11.54 -26.71
CA SER A 65 1.89 -11.54 -26.72
C SER A 65 2.17 -11.65 -25.20
C SER A 65 2.21 -11.68 -25.22
N ILE A 66 1.64 -12.69 -24.55
CA ILE A 66 1.87 -12.90 -23.12
C ILE A 66 3.25 -13.53 -22.94
N THR A 67 4.10 -12.85 -22.17
CA THR A 67 5.44 -13.32 -21.88
C THR A 67 5.44 -14.12 -20.59
N THR A 68 6.49 -14.91 -20.40
CA THR A 68 6.66 -15.70 -19.20
C THR A 68 8.03 -15.50 -18.64
N LEU A 69 8.13 -15.33 -17.32
CA LEU A 69 9.40 -15.31 -16.61
C LEU A 69 9.50 -16.54 -15.73
N GLN A 70 10.71 -17.08 -15.61
CA GLN A 70 10.98 -18.26 -14.78
C GLN A 70 11.56 -17.89 -13.43
N GLY A 71 11.14 -18.63 -12.42
CA GLY A 71 11.75 -18.53 -11.12
C GLY A 71 10.75 -18.06 -10.11
N GLU A 72 11.13 -18.23 -8.85
CA GLU A 72 10.23 -17.83 -7.78
C GLU A 72 10.31 -16.35 -7.45
N ASP A 73 11.34 -15.65 -7.94
CA ASP A 73 11.54 -14.25 -7.64
C ASP A 73 11.90 -13.49 -8.92
N ILE A 74 10.95 -12.70 -9.42
CA ILE A 74 11.05 -12.07 -10.74
C ILE A 74 10.68 -10.60 -10.67
N VAL A 75 10.94 -9.89 -11.76
CA VAL A 75 10.43 -8.52 -11.93
C VAL A 75 9.48 -8.47 -13.12
N PHE A 76 8.24 -8.07 -12.83
CA PHE A 76 7.14 -7.82 -13.77
C PHE A 76 7.31 -6.37 -14.21
N LEU A 77 7.80 -6.19 -15.43
CA LEU A 77 8.05 -4.87 -15.96
C LEU A 77 6.87 -4.42 -16.80
N ALA A 78 6.08 -3.51 -16.26
CA ALA A 78 4.91 -3.01 -16.97
C ALA A 78 5.36 -1.80 -17.80
N THR A 79 5.27 -1.91 -19.12
CA THR A 79 5.74 -0.83 -19.97
C THR A 79 4.64 0.18 -20.28
N ASP A 80 5.01 1.47 -20.29
N ASP A 80 5.03 1.46 -20.31
CA ASP A 80 4.13 2.56 -20.72
CA ASP A 80 4.17 2.58 -20.68
C ASP A 80 2.83 2.62 -19.89
C ASP A 80 2.86 2.59 -19.89
N ILE A 81 2.99 2.63 -18.57
CA ILE A 81 1.86 2.51 -17.66
C ILE A 81 0.88 3.69 -17.70
N ASN A 82 1.35 4.86 -18.14
CA ASN A 82 0.47 6.04 -18.25
C ASN A 82 -0.11 6.29 -19.65
N LEU A 83 0.11 5.38 -20.60
CA LEU A 83 -0.44 5.55 -21.95
C LEU A 83 -1.97 5.61 -21.87
N PRO A 84 -2.60 6.70 -22.37
CA PRO A 84 -4.07 6.71 -22.24
C PRO A 84 -4.71 5.56 -23.00
N GLY A 85 -5.73 4.95 -22.40
CA GLY A 85 -6.37 3.81 -23.01
C GLY A 85 -5.74 2.46 -22.72
N ALA A 86 -4.51 2.45 -22.18
CA ALA A 86 -3.85 1.20 -21.80
C ALA A 86 -4.48 0.84 -20.49
N VAL A 87 -5.03 -0.35 -20.40
CA VAL A 87 -5.72 -0.77 -19.17
C VAL A 87 -5.20 -2.07 -18.55
N ASP A 88 -4.55 -2.94 -19.34
CA ASP A 88 -4.18 -4.30 -18.90
C ASP A 88 -2.72 -4.60 -19.22
N TRP A 89 -2.01 -5.20 -18.26
CA TRP A 89 -0.67 -5.77 -18.50
C TRP A 89 -0.74 -7.17 -17.87
N VAL A 90 -0.22 -8.18 -18.57
CA VAL A 90 -0.31 -9.57 -18.09
C VAL A 90 0.99 -10.24 -18.42
N MET A 91 1.50 -11.04 -17.50
CA MET A 91 2.59 -11.95 -17.77
C MET A 91 2.44 -13.18 -16.91
N MET A 92 3.11 -14.25 -17.31
CA MET A 92 3.09 -15.51 -16.53
C MET A 92 4.40 -15.67 -15.77
N GLN A 93 4.32 -16.28 -14.59
CA GLN A 93 5.50 -16.64 -13.81
C GLN A 93 5.43 -18.12 -13.60
N SER A 94 6.51 -18.82 -13.92
N SER A 94 6.54 -18.80 -13.88
CA SER A 94 6.55 -20.28 -13.82
CA SER A 94 6.63 -20.25 -13.86
C SER A 94 7.53 -20.67 -12.73
C SER A 94 7.56 -20.66 -12.71
N CYS A 95 7.03 -21.39 -11.73
CA CYS A 95 7.84 -21.85 -10.57
C CYS A 95 7.05 -22.91 -9.78
N PHE A 96 7.76 -23.75 -9.05
CA PHE A 96 7.14 -24.76 -8.21
C PHE A 96 6.24 -25.73 -8.99
N GLY A 97 6.58 -25.97 -10.25
CA GLY A 97 5.80 -26.85 -11.09
C GLY A 97 4.43 -26.28 -11.45
N HIS A 98 4.27 -24.96 -11.31
CA HIS A 98 3.00 -24.28 -11.59
C HIS A 98 3.22 -23.03 -12.41
N HIS A 99 2.12 -22.46 -12.86
CA HIS A 99 2.13 -21.19 -13.58
C HIS A 99 1.20 -20.22 -12.87
N PHE A 100 1.68 -19.00 -12.68
CA PHE A 100 0.94 -17.94 -12.03
C PHE A 100 0.74 -16.84 -13.05
N MET A 101 -0.45 -16.26 -13.09
CA MET A 101 -0.75 -15.12 -13.94
C MET A 101 -0.61 -13.85 -13.08
N LEU A 102 0.23 -12.93 -13.54
CA LEU A 102 0.43 -11.64 -12.89
C LEU A 102 -0.37 -10.65 -13.72
N VAL A 103 -1.27 -9.92 -13.07
CA VAL A 103 -2.14 -8.98 -13.77
C VAL A 103 -1.96 -7.60 -13.15
N LEU A 104 -1.77 -6.60 -14.00
CA LEU A 104 -1.86 -5.19 -13.60
C LEU A 104 -3.04 -4.61 -14.39
N GLU A 105 -3.97 -3.96 -13.69
CA GLU A 105 -5.09 -3.29 -14.34
C GLU A 105 -5.16 -1.84 -13.89
N LYS A 106 -5.39 -0.95 -14.85
CA LYS A 106 -5.59 0.47 -14.58
C LYS A 106 -7.09 0.70 -14.77
N GLN A 107 -7.73 1.19 -13.71
CA GLN A 107 -9.18 1.36 -13.70
C GLN A 107 -9.51 2.61 -12.90
N GLU A 108 -10.45 3.39 -13.42
CA GLU A 108 -10.99 4.53 -12.72
C GLU A 108 -12.28 4.06 -12.04
N LYS A 109 -12.11 3.39 -10.90
CA LYS A 109 -13.23 2.80 -10.15
C LYS A 109 -14.02 3.93 -9.49
N TYR A 110 -13.30 4.77 -8.75
CA TYR A 110 -13.81 6.06 -8.27
C TYR A 110 -13.58 7.09 -9.36
N GLU A 111 -14.66 7.68 -9.87
CA GLU A 111 -14.53 8.61 -11.01
C GLU A 111 -13.58 9.75 -10.70
N GLY A 112 -12.66 9.99 -11.64
CA GLY A 112 -11.61 10.99 -11.49
C GLY A 112 -10.35 10.54 -10.77
N HIS A 113 -10.31 9.30 -10.28
CA HIS A 113 -9.11 8.77 -9.60
C HIS A 113 -8.66 7.48 -10.29
N GLN A 114 -7.64 7.58 -11.14
CA GLN A 114 -7.12 6.41 -11.82
C GLN A 114 -6.29 5.62 -10.83
N GLN A 115 -6.62 4.35 -10.67
CA GLN A 115 -5.89 3.48 -9.77
C GLN A 115 -5.36 2.30 -10.54
N PHE A 116 -4.31 1.71 -9.97
CA PHE A 116 -3.71 0.48 -10.48
C PHE A 116 -3.98 -0.60 -9.46
N PHE A 117 -4.26 -1.78 -9.99
CA PHE A 117 -4.56 -2.97 -9.22
C PHE A 117 -3.64 -4.07 -9.70
N ALA A 118 -2.79 -4.60 -8.82
CA ALA A 118 -1.92 -5.71 -9.20
C ALA A 118 -2.27 -6.94 -8.39
N ILE A 119 -2.44 -8.06 -9.08
CA ILE A 119 -2.84 -9.31 -8.43
C ILE A 119 -2.17 -10.52 -9.08
N VAL A 120 -2.02 -11.59 -8.30
CA VAL A 120 -1.45 -12.82 -8.78
C VAL A 120 -2.51 -13.91 -8.70
N LEU A 121 -2.66 -14.65 -9.80
CA LEU A 121 -3.59 -15.75 -9.87
C LEU A 121 -2.83 -17.04 -10.20
N LEU A 122 -3.22 -18.13 -9.58
CA LEU A 122 -2.69 -19.41 -9.96
C LEU A 122 -3.53 -20.01 -11.09
N ILE A 123 -2.86 -20.59 -12.10
CA ILE A 123 -3.55 -21.45 -13.06
C ILE A 123 -3.77 -22.77 -12.33
N GLY A 124 -4.88 -22.85 -11.63
CA GLY A 124 -5.11 -23.95 -10.70
C GLY A 124 -6.32 -23.64 -9.85
N THR A 125 -6.54 -24.48 -8.86
CA THR A 125 -7.72 -24.41 -8.02
C THR A 125 -7.43 -23.59 -6.79
N ARG A 126 -8.46 -23.22 -6.05
CA ARG A 126 -8.26 -22.56 -4.76
C ARG A 126 -7.47 -23.46 -3.79
N LYS A 127 -7.75 -24.75 -3.82
CA LYS A 127 -7.05 -25.66 -2.93
C LYS A 127 -5.55 -25.66 -3.22
N GLN A 128 -5.17 -25.69 -4.49
CA GLN A 128 -3.76 -25.57 -4.88
C GLN A 128 -3.21 -24.20 -4.52
N ALA A 129 -3.97 -23.16 -4.79
CA ALA A 129 -3.52 -21.78 -4.51
C ALA A 129 -3.19 -21.53 -3.04
N GLU A 130 -3.92 -22.19 -2.14
CA GLU A 130 -3.65 -22.12 -0.69
C GLU A 130 -2.28 -22.65 -0.25
N ASN A 131 -1.58 -23.41 -1.10
CA ASN A 131 -0.21 -23.85 -0.82
C ASN A 131 0.85 -22.76 -0.97
N PHE A 132 0.48 -21.60 -1.54
CA PHE A 132 1.41 -20.55 -1.88
C PHE A 132 1.08 -19.21 -1.25
N ALA A 133 2.09 -18.39 -1.12
CA ALA A 133 1.94 -16.97 -0.81
C ALA A 133 2.60 -16.26 -1.95
N TYR A 134 2.09 -15.07 -2.29
CA TYR A 134 2.81 -14.19 -3.20
C TYR A 134 3.08 -12.86 -2.53
N ARG A 135 4.15 -12.22 -2.97
CA ARG A 135 4.56 -10.91 -2.48
C ARG A 135 4.80 -10.01 -3.68
N LEU A 136 4.13 -8.88 -3.70
CA LEU A 136 4.37 -7.83 -4.68
C LEU A 136 5.06 -6.65 -4.00
N GLU A 137 6.14 -6.16 -4.59
CA GLU A 137 6.87 -4.98 -4.06
C GLU A 137 7.04 -3.93 -5.14
N LEU A 138 6.82 -2.69 -4.76
CA LEU A 138 7.30 -1.55 -5.54
C LEU A 138 8.50 -1.02 -4.76
N ASN A 139 9.62 -0.86 -5.44
CA ASN A 139 10.88 -0.41 -4.82
C ASN A 139 11.38 0.88 -5.44
N GLY A 140 11.81 1.79 -4.59
CA GLY A 140 12.35 3.07 -5.03
C GLY A 140 13.44 3.55 -4.12
N ASN A 141 13.73 4.85 -4.18
CA ASN A 141 14.77 5.46 -3.35
C ASN A 141 14.36 5.49 -1.86
N ARG A 142 14.78 4.45 -1.14
CA ARG A 142 14.52 4.31 0.28
C ARG A 142 13.01 4.29 0.59
N ARG A 143 12.25 3.64 -0.29
N ARG A 143 12.26 3.63 -0.29
CA ARG A 143 10.82 3.45 -0.14
CA ARG A 143 10.82 3.45 -0.15
C ARG A 143 10.49 2.07 -0.66
C ARG A 143 10.49 2.08 -0.67
N ARG A 144 9.58 1.38 0.02
CA ARG A 144 9.02 0.10 -0.48
C ARG A 144 7.57 -0.03 -0.06
N LEU A 145 6.70 -0.33 -1.02
CA LEU A 145 5.34 -0.71 -0.78
C LEU A 145 5.21 -2.21 -1.07
N THR A 146 4.65 -2.97 -0.13
CA THR A 146 4.54 -4.44 -0.27
C THR A 146 3.13 -4.92 0.02
N TRP A 147 2.67 -5.86 -0.80
CA TRP A 147 1.41 -6.59 -0.56
C TRP A 147 1.73 -8.07 -0.58
N GLU A 148 1.22 -8.81 0.40
CA GLU A 148 1.35 -10.26 0.45
C GLU A 148 0.01 -10.90 0.73
N ALA A 149 -0.28 -11.98 0.02
CA ALA A 149 -1.56 -12.66 0.12
C ALA A 149 -1.44 -14.07 -0.51
N THR A 150 -2.54 -14.81 -0.45
CA THR A 150 -2.68 -16.07 -1.18
C THR A 150 -3.07 -15.78 -2.65
N PRO A 151 -2.39 -16.43 -3.63
CA PRO A 151 -2.87 -16.29 -5.02
C PRO A 151 -4.33 -16.69 -5.17
N ARG A 152 -5.04 -15.94 -6.00
CA ARG A 152 -6.41 -16.28 -6.35
C ARG A 152 -6.39 -17.38 -7.37
N SER A 153 -7.37 -18.26 -7.31
CA SER A 153 -7.58 -19.22 -8.38
C SER A 153 -8.07 -18.45 -9.63
N ILE A 154 -7.62 -18.84 -10.83
CA ILE A 154 -8.20 -18.22 -12.04
C ILE A 154 -9.72 -18.34 -12.14
N HIS A 155 -10.33 -19.38 -11.58
CA HIS A 155 -11.78 -19.51 -11.67
C HIS A 155 -12.54 -18.53 -10.79
N ASP A 156 -11.87 -17.83 -9.87
CA ASP A 156 -12.47 -16.74 -9.11
C ASP A 156 -12.32 -15.37 -9.78
N GLY A 157 -11.39 -15.26 -10.72
CA GLY A 157 -11.27 -14.08 -11.59
C GLY A 157 -10.60 -12.88 -10.92
N VAL A 158 -10.39 -11.85 -11.73
CA VAL A 158 -9.74 -10.60 -11.31
C VAL A 158 -10.79 -9.62 -10.76
N ALA A 159 -11.96 -9.58 -11.41
CA ALA A 159 -12.96 -8.56 -11.20
C ALA A 159 -13.37 -8.38 -9.76
N ALA A 160 -13.64 -9.47 -9.05
CA ALA A 160 -14.09 -9.41 -7.66
C ALA A 160 -12.98 -8.92 -6.73
N ALA A 161 -11.75 -9.29 -7.05
CA ALA A 161 -10.59 -8.84 -6.28
C ALA A 161 -10.44 -7.35 -6.39
N ILE A 162 -10.56 -6.83 -7.61
CA ILE A 162 -10.47 -5.39 -7.83
C ILE A 162 -11.57 -4.65 -7.11
N MET A 163 -12.81 -5.12 -7.24
CA MET A 163 -13.95 -4.48 -6.61
C MET A 163 -13.77 -4.38 -5.09
N ASN A 164 -13.14 -5.39 -4.48
CA ASN A 164 -12.89 -5.43 -3.05
C ASN A 164 -11.54 -4.88 -2.60
N SER A 165 -10.75 -4.34 -3.53
CA SER A 165 -9.37 -3.93 -3.25
C SER A 165 -8.53 -5.02 -2.56
N ASP A 166 -8.75 -6.28 -2.93
CA ASP A 166 -8.07 -7.41 -2.27
C ASP A 166 -6.90 -7.78 -3.14
N CYS A 167 -5.95 -6.85 -3.20
CA CYS A 167 -4.78 -6.92 -4.07
C CYS A 167 -3.92 -5.69 -3.79
N LEU A 168 -2.81 -5.55 -4.51
CA LEU A 168 -1.98 -4.35 -4.34
C LEU A 168 -2.72 -3.23 -5.07
N VAL A 169 -2.95 -2.11 -4.40
CA VAL A 169 -3.68 -0.97 -5.00
C VAL A 169 -2.83 0.29 -4.86
N PHE A 170 -2.66 1.00 -5.95
CA PHE A 170 -1.95 2.26 -5.92
C PHE A 170 -2.49 3.12 -7.05
N ASP A 171 -1.90 4.27 -7.24
CA ASP A 171 -2.41 5.18 -8.24
C ASP A 171 -1.26 5.82 -9.00
N THR A 172 -1.58 6.79 -9.85
CA THR A 172 -0.59 7.39 -10.72
C THR A 172 0.50 8.15 -9.97
N ALA A 173 0.16 8.74 -8.83
CA ALA A 173 1.12 9.49 -8.00
C ALA A 173 2.13 8.54 -7.36
N ILE A 174 1.61 7.46 -6.76
CA ILE A 174 2.45 6.43 -6.19
C ILE A 174 3.31 5.81 -7.28
N ALA A 175 2.71 5.48 -8.43
CA ALA A 175 3.46 4.94 -9.56
C ALA A 175 4.66 5.81 -9.96
N HIS A 176 4.47 7.13 -9.97
N HIS A 176 4.47 7.13 -9.98
CA HIS A 176 5.56 8.03 -10.35
CA HIS A 176 5.57 8.03 -10.35
C HIS A 176 6.75 7.89 -9.40
C HIS A 176 6.75 7.97 -9.38
N LEU A 177 6.48 7.72 -8.10
CA LEU A 177 7.54 7.56 -7.11
C LEU A 177 8.38 6.29 -7.32
N PHE A 178 7.79 5.28 -7.95
CA PHE A 178 8.47 4.01 -8.18
C PHE A 178 8.82 3.70 -9.64
N ALA A 179 8.33 4.47 -10.61
CA ALA A 179 8.52 4.17 -12.02
C ALA A 179 9.94 4.45 -12.52
N ASP A 180 10.24 3.88 -13.67
CA ASP A 180 11.54 3.96 -14.35
C ASP A 180 11.19 4.35 -15.78
N ASN A 181 11.32 5.63 -16.12
CA ASN A 181 11.01 6.15 -17.48
C ASN A 181 9.63 5.77 -18.02
N GLY A 182 8.57 6.00 -17.25
CA GLY A 182 7.22 5.62 -17.66
C GLY A 182 6.90 4.11 -17.61
N ASN A 183 7.86 3.29 -17.16
CA ASN A 183 7.68 1.87 -16.97
C ASN A 183 7.73 1.58 -15.47
N LEU A 184 7.13 0.48 -15.03
CA LEU A 184 7.10 0.16 -13.60
C LEU A 184 7.54 -1.28 -13.37
N GLY A 185 8.57 -1.48 -12.54
CA GLY A 185 9.06 -2.80 -12.18
C GLY A 185 8.36 -3.21 -10.90
N ILE A 186 7.60 -4.29 -10.95
CA ILE A 186 6.94 -4.85 -9.77
C ILE A 186 7.66 -6.16 -9.45
N ASN A 187 8.27 -6.24 -8.28
N ASN A 187 8.28 -6.26 -8.28
CA ASN A 187 8.91 -7.50 -7.86
CA ASN A 187 8.94 -7.50 -7.88
C ASN A 187 7.80 -8.45 -7.46
C ASN A 187 7.90 -8.48 -7.35
N VAL A 188 7.92 -9.70 -7.87
CA VAL A 188 6.95 -10.73 -7.51
C VAL A 188 7.72 -11.93 -6.98
N THR A 189 7.42 -12.32 -5.75
CA THR A 189 8.05 -13.46 -5.12
C THR A 189 6.98 -14.41 -4.70
N ILE A 190 7.05 -15.66 -5.17
CA ILE A 190 6.14 -16.72 -4.78
C ILE A 190 6.88 -17.62 -3.81
N SER A 191 6.22 -18.00 -2.74
CA SER A 191 6.80 -18.89 -1.75
C SER A 191 5.84 -19.98 -1.39
N THR A 192 6.40 -21.07 -0.87
CA THR A 192 5.61 -22.23 -0.48
C THR A 192 6.26 -22.92 0.69
N ALA B 4 27.69 42.53 -2.96
CA ALA B 4 26.67 41.49 -2.59
C ALA B 4 25.64 42.09 -1.64
N VAL B 5 24.42 41.56 -1.70
CA VAL B 5 23.30 42.04 -0.87
C VAL B 5 22.93 40.97 0.16
N LEU B 6 22.61 41.41 1.37
CA LEU B 6 22.29 40.50 2.49
C LEU B 6 20.87 40.71 3.00
N PHE B 7 20.20 39.63 3.35
CA PHE B 7 18.83 39.65 3.82
C PHE B 7 18.79 39.20 5.27
N PRO B 8 17.89 39.79 6.08
CA PRO B 8 17.76 39.26 7.44
C PRO B 8 17.28 37.82 7.45
N CYS B 9 17.70 37.07 8.45
CA CYS B 9 17.20 35.74 8.67
C CYS B 9 15.67 35.78 8.81
N LYS B 10 15.03 34.68 8.37
CA LYS B 10 13.60 34.38 8.57
C LYS B 10 13.17 34.61 10.04
N TYR B 11 14.09 34.35 10.96
CA TYR B 11 13.82 34.41 12.39
C TYR B 11 14.37 35.66 13.09
N ALA B 12 14.58 36.74 12.34
CA ALA B 12 14.96 38.04 12.92
C ALA B 12 14.01 38.54 13.99
N THR B 13 12.72 38.36 13.75
N THR B 13 12.71 38.37 13.77
CA THR B 13 11.68 38.74 14.72
CA THR B 13 11.74 38.84 14.77
C THR B 13 11.77 38.00 16.04
C THR B 13 11.63 37.93 16.01
N THR B 14 12.27 36.77 16.01
CA THR B 14 12.44 35.96 17.25
C THR B 14 13.88 35.98 17.79
N GLY B 15 14.72 36.86 17.27
CA GLY B 15 15.99 37.22 17.89
C GLY B 15 17.23 37.00 17.03
N CYS B 16 17.10 36.38 15.86
CA CYS B 16 18.27 36.17 15.02
C CYS B 16 18.72 37.47 14.32
N SER B 17 19.93 37.91 14.63
N SER B 17 19.92 37.93 14.63
CA SER B 17 20.46 39.17 14.10
CA SER B 17 20.43 39.17 14.07
C SER B 17 21.34 38.98 12.84
C SER B 17 21.30 39.00 12.82
N LEU B 18 21.48 37.76 12.34
CA LEU B 18 22.32 37.51 11.16
C LEU B 18 21.72 38.11 9.89
N THR B 19 22.59 38.71 9.07
CA THR B 19 22.22 39.12 7.71
C THR B 19 22.91 38.14 6.76
N LEU B 20 22.14 37.60 5.80
CA LEU B 20 22.53 36.40 5.07
C LEU B 20 22.53 36.59 3.56
N HIS B 21 23.53 35.99 2.93
CA HIS B 21 23.67 36.04 1.49
C HIS B 21 22.85 34.89 0.94
N HIS B 22 22.43 35.00 -0.32
CA HIS B 22 21.65 33.93 -0.95
C HIS B 22 22.32 32.54 -0.95
N THR B 23 23.64 32.51 -0.94
CA THR B 23 24.39 31.26 -0.84
C THR B 23 24.40 30.61 0.56
N GLU B 24 24.05 31.40 1.57
CA GLU B 24 24.09 31.00 3.00
C GLU B 24 22.70 30.77 3.64
N LYS B 25 21.69 31.45 3.09
CA LYS B 25 20.41 31.65 3.79
C LYS B 25 19.63 30.38 4.13
N PRO B 26 19.35 29.51 3.14
CA PRO B 26 18.58 28.30 3.49
C PRO B 26 19.28 27.33 4.47
N GLU B 27 20.59 27.12 4.34
CA GLU B 27 21.31 26.24 5.27
C GLU B 27 21.25 26.78 6.70
N HIS B 28 21.44 28.09 6.83
CA HIS B 28 21.39 28.74 8.13
C HIS B 28 20.01 28.55 8.77
N GLU B 29 18.96 28.76 7.98
CA GLU B 29 17.61 28.72 8.47
C GLU B 29 17.14 27.34 8.92
N ASP B 30 17.76 26.28 8.42
CA ASP B 30 17.52 24.92 8.92
C ASP B 30 17.98 24.74 10.35
N ILE B 31 19.07 25.42 10.69
CA ILE B 31 19.79 25.19 11.95
C ILE B 31 19.72 26.37 12.92
N CYS B 32 19.07 27.47 12.53
CA CYS B 32 19.03 28.69 13.34
C CYS B 32 18.53 28.39 14.74
N GLU B 33 19.26 28.87 15.75
CA GLU B 33 18.87 28.70 17.14
C GLU B 33 17.58 29.45 17.56
N TYR B 34 17.14 30.41 16.77
CA TYR B 34 15.96 31.21 17.08
C TYR B 34 14.72 30.71 16.34
N ARG B 35 14.87 29.60 15.60
CA ARG B 35 13.78 28.98 14.83
C ARG B 35 12.71 28.36 15.75
N PRO B 36 11.49 28.89 15.71
CA PRO B 36 10.37 28.22 16.38
C PRO B 36 9.73 27.21 15.46
N TYR B 37 9.19 26.15 16.05
CA TYR B 37 8.37 25.16 15.36
C TYR B 37 6.93 25.30 15.80
N SER B 38 6.02 25.19 14.84
N SER B 38 6.01 25.21 14.85
CA SER B 38 4.58 25.09 15.11
CA SER B 38 4.58 25.14 15.18
C SER B 38 4.29 23.73 15.74
C SER B 38 4.27 23.76 15.72
N CYS B 39 3.17 23.66 16.45
CA CYS B 39 2.69 22.40 16.96
C CYS B 39 2.48 21.45 15.79
N PRO B 40 3.08 20.26 15.84
CA PRO B 40 3.05 19.37 14.66
C PRO B 40 1.82 18.48 14.58
N CYS B 41 0.93 18.52 15.55
CA CYS B 41 -0.26 17.66 15.53
C CYS B 41 -1.20 18.04 14.37
N PRO B 42 -1.55 17.08 13.50
CA PRO B 42 -2.51 17.45 12.47
C PRO B 42 -3.95 17.52 13.01
N GLY B 43 -4.79 18.30 12.33
CA GLY B 43 -6.21 18.38 12.66
C GLY B 43 -6.57 19.13 13.93
N ALA B 44 -5.60 19.82 14.54
CA ALA B 44 -5.84 20.55 15.80
C ALA B 44 -5.66 22.05 15.55
N SER B 45 -6.35 22.86 16.34
CA SER B 45 -6.28 24.33 16.22
C SER B 45 -5.43 24.84 17.37
N CYS B 46 -4.11 24.68 17.22
CA CYS B 46 -3.16 24.95 18.28
C CYS B 46 -2.13 25.94 17.77
N LYS B 47 -1.95 27.01 18.53
CA LYS B 47 -1.08 28.11 18.16
C LYS B 47 0.29 28.08 18.83
N TRP B 48 0.62 26.99 19.53
CA TRP B 48 1.90 26.82 20.18
C TRP B 48 3.08 26.97 19.21
N GLN B 49 4.12 27.68 19.66
N GLN B 49 4.12 27.67 19.67
CA GLN B 49 5.35 27.90 18.90
CA GLN B 49 5.35 27.84 18.91
C GLN B 49 6.51 27.73 19.88
C GLN B 49 6.50 27.72 19.89
N GLY B 50 7.43 26.81 19.60
CA GLY B 50 8.55 26.60 20.47
C GLY B 50 9.67 25.88 19.82
N SER B 51 10.79 25.86 20.54
CA SER B 51 12.00 25.28 20.02
C SER B 51 11.85 23.76 19.94
N LEU B 52 12.67 23.16 19.08
CA LEU B 52 12.52 21.76 18.74
C LEU B 52 12.44 20.87 19.94
N GLU B 53 13.29 21.09 20.94
CA GLU B 53 13.32 20.20 22.10
C GLU B 53 12.19 20.44 23.10
N ALA B 54 11.30 21.42 22.86
CA ALA B 54 10.09 21.61 23.69
C ALA B 54 8.84 20.94 23.13
N VAL B 55 8.92 20.42 21.90
CA VAL B 55 7.72 19.90 21.20
C VAL B 55 7.10 18.71 21.94
N MET B 56 7.92 17.73 22.28
CA MET B 56 7.40 16.55 22.95
C MET B 56 6.70 16.88 24.27
N SER B 57 7.31 17.72 25.10
N SER B 57 7.29 17.72 25.12
CA SER B 57 6.67 18.16 26.34
CA SER B 57 6.64 18.13 26.35
C SER B 57 5.29 18.78 26.10
C SER B 57 5.28 18.80 26.11
N HIS B 58 5.19 19.60 25.06
CA HIS B 58 3.92 20.24 24.71
C HIS B 58 2.83 19.21 24.33
N LEU B 59 3.23 18.23 23.54
CA LEU B 59 2.29 17.19 23.10
C LEU B 59 1.76 16.40 24.31
N MET B 60 2.67 16.03 25.22
N MET B 60 2.66 16.03 25.23
CA MET B 60 2.30 15.30 26.45
CA MET B 60 2.30 15.32 26.46
C MET B 60 1.40 16.08 27.43
C MET B 60 1.38 16.08 27.42
N HIS B 61 1.55 17.41 27.48
CA HIS B 61 0.79 18.25 28.41
C HIS B 61 -0.53 18.77 27.85
N ALA B 62 -0.53 19.15 26.58
CA ALA B 62 -1.63 19.89 26.00
C ALA B 62 -2.49 19.06 25.03
N HIS B 63 -2.05 17.84 24.72
CA HIS B 63 -2.73 17.02 23.71
C HIS B 63 -2.89 15.63 24.29
N LYS B 64 -3.62 15.53 25.41
CA LYS B 64 -3.72 14.24 26.13
C LYS B 64 -4.48 13.11 25.40
N SER B 65 -5.18 13.43 24.31
N SER B 65 -5.18 13.41 24.31
CA SER B 65 -5.79 12.40 23.45
CA SER B 65 -5.79 12.35 23.49
C SER B 65 -4.76 11.61 22.65
C SER B 65 -4.76 11.61 22.64
N ILE B 66 -3.55 12.16 22.53
CA ILE B 66 -2.44 11.52 21.82
C ILE B 66 -1.81 10.54 22.78
N THR B 67 -1.94 9.26 22.48
CA THR B 67 -1.38 8.23 23.33
C THR B 67 0.10 8.14 23.05
N THR B 68 0.87 7.80 24.07
CA THR B 68 2.30 7.67 23.92
C THR B 68 2.71 6.25 24.31
N LEU B 69 3.47 5.60 23.44
CA LEU B 69 3.99 4.26 23.72
C LEU B 69 5.50 4.29 23.64
N GLN B 70 6.13 3.42 24.41
CA GLN B 70 7.58 3.28 24.41
C GLN B 70 7.95 2.05 23.61
N GLY B 71 9.05 2.15 22.86
CA GLY B 71 9.67 0.97 22.26
C GLY B 71 9.79 1.07 20.76
N GLU B 72 10.66 0.22 20.21
CA GLU B 72 10.92 0.24 18.78
C GLU B 72 9.89 -0.51 17.95
N ASP B 73 9.07 -1.34 18.57
CA ASP B 73 8.12 -2.20 17.88
C ASP B 73 6.81 -2.16 18.66
N ILE B 74 5.82 -1.45 18.12
CA ILE B 74 4.55 -1.22 18.82
C ILE B 74 3.35 -1.48 17.92
N VAL B 75 2.18 -1.57 18.55
CA VAL B 75 0.89 -1.54 17.84
C VAL B 75 0.21 -0.18 18.08
N PHE B 76 -0.16 0.45 16.98
CA PHE B 76 -0.90 1.73 16.91
C PHE B 76 -2.33 1.30 16.64
N LEU B 77 -3.20 1.31 17.66
CA LEU B 77 -4.60 0.88 17.50
C LEU B 77 -5.45 2.10 17.24
N ALA B 78 -5.92 2.23 16.01
CA ALA B 78 -6.75 3.35 15.61
C ALA B 78 -8.19 2.91 15.82
N THR B 79 -8.87 3.48 16.81
CA THR B 79 -10.23 3.06 17.10
C THR B 79 -11.25 3.80 16.26
N ASP B 80 -12.36 3.12 15.96
CA ASP B 80 -13.55 3.75 15.35
C ASP B 80 -13.27 4.26 13.92
N ILE B 81 -12.69 3.37 13.11
CA ILE B 81 -12.36 3.72 11.72
C ILE B 81 -13.59 3.99 10.81
N ASN B 82 -14.77 3.57 11.27
CA ASN B 82 -16.02 3.89 10.55
C ASN B 82 -16.63 5.26 10.86
N LEU B 83 -15.96 6.09 11.65
CA LEU B 83 -16.40 7.47 11.87
C LEU B 83 -16.43 8.20 10.52
N PRO B 84 -17.39 9.12 10.31
CA PRO B 84 -17.50 9.83 9.05
C PRO B 84 -16.51 10.99 8.84
N GLY B 85 -16.28 11.34 7.57
CA GLY B 85 -15.57 12.56 7.20
C GLY B 85 -14.08 12.48 7.45
N ALA B 86 -13.42 13.63 7.52
CA ALA B 86 -11.98 13.70 7.73
C ALA B 86 -11.71 13.42 9.20
N VAL B 87 -10.93 12.38 9.49
CA VAL B 87 -10.54 12.01 10.85
C VAL B 87 -9.02 11.82 10.90
N ASP B 88 -8.40 12.30 11.99
CA ASP B 88 -6.98 12.07 12.27
C ASP B 88 -6.84 11.18 13.52
N TRP B 89 -5.92 10.23 13.47
CA TRP B 89 -5.47 9.50 14.66
C TRP B 89 -3.99 9.82 14.79
N VAL B 90 -3.55 10.19 15.99
CA VAL B 90 -2.15 10.53 16.23
C VAL B 90 -1.68 9.84 17.51
N MET B 91 -0.50 9.25 17.46
CA MET B 91 0.14 8.64 18.62
C MET B 91 1.63 8.94 18.57
N MET B 92 2.30 8.92 19.73
CA MET B 92 3.74 9.16 19.77
C MET B 92 4.40 7.84 20.11
N GLN B 93 5.54 7.59 19.48
CA GLN B 93 6.35 6.40 19.75
C GLN B 93 7.72 6.88 20.15
N SER B 94 8.17 6.47 21.34
CA SER B 94 9.46 6.89 21.86
C SER B 94 10.46 5.72 21.90
N CYS B 95 11.55 5.86 21.15
CA CYS B 95 12.61 4.87 21.08
C CYS B 95 13.93 5.50 20.62
N PHE B 96 15.04 4.87 20.99
CA PHE B 96 16.38 5.33 20.58
C PHE B 96 16.67 6.79 20.94
N GLY B 97 16.14 7.24 22.06
CA GLY B 97 16.37 8.61 22.51
C GLY B 97 15.63 9.66 21.70
N HIS B 98 14.73 9.22 20.83
CA HIS B 98 13.94 10.13 19.98
C HIS B 98 12.45 9.87 20.14
N HIS B 99 11.66 10.78 19.55
CA HIS B 99 10.22 10.70 19.59
C HIS B 99 9.69 10.79 18.17
N PHE B 100 8.75 9.92 17.87
CA PHE B 100 8.19 9.84 16.52
C PHE B 100 6.70 10.05 16.63
N MET B 101 6.14 10.81 15.68
CA MET B 101 4.68 11.00 15.60
C MET B 101 4.13 10.08 14.51
N LEU B 102 3.19 9.24 14.91
CA LEU B 102 2.51 8.32 14.02
C LEU B 102 1.18 8.96 13.69
N VAL B 103 0.89 9.07 12.41
CA VAL B 103 -0.38 9.67 11.95
C VAL B 103 -1.12 8.71 11.03
N LEU B 104 -2.40 8.52 11.31
CA LEU B 104 -3.35 7.93 10.35
C LEU B 104 -4.40 8.97 10.07
N GLU B 105 -4.59 9.31 8.79
CA GLU B 105 -5.60 10.28 8.39
C GLU B 105 -6.54 9.64 7.38
N LYS B 106 -7.85 9.83 7.57
CA LYS B 106 -8.85 9.41 6.62
C LYS B 106 -9.36 10.71 6.00
N GLN B 107 -9.31 10.78 4.67
CA GLN B 107 -9.79 11.93 3.92
C GLN B 107 -10.07 11.63 2.45
N GLU B 108 -10.84 12.53 1.82
CA GLU B 108 -11.09 12.47 0.38
C GLU B 108 -10.07 13.35 -0.29
N LYS B 109 -8.88 12.78 -0.48
CA LYS B 109 -7.83 13.49 -1.22
C LYS B 109 -8.29 13.66 -2.65
N TYR B 110 -8.78 12.58 -3.26
CA TYR B 110 -9.49 12.66 -4.52
C TYR B 110 -10.98 12.74 -4.21
N GLU B 111 -11.66 13.65 -4.90
CA GLU B 111 -13.07 13.95 -4.67
C GLU B 111 -13.94 12.69 -4.67
N GLY B 112 -14.68 12.49 -3.57
CA GLY B 112 -15.56 11.35 -3.45
C GLY B 112 -14.87 10.01 -3.21
N HIS B 113 -13.58 10.01 -2.88
CA HIS B 113 -12.90 8.76 -2.58
C HIS B 113 -12.21 8.89 -1.24
N GLN B 114 -12.86 8.38 -0.22
CA GLN B 114 -12.30 8.40 1.13
C GLN B 114 -11.16 7.38 1.19
N GLN B 115 -9.97 7.81 1.54
CA GLN B 115 -8.85 6.88 1.71
C GLN B 115 -8.16 7.13 3.04
N PHE B 116 -7.34 6.16 3.44
CA PHE B 116 -6.49 6.24 4.63
C PHE B 116 -5.03 6.50 4.22
N PHE B 117 -4.37 7.35 5.00
CA PHE B 117 -2.97 7.75 4.79
C PHE B 117 -2.24 7.55 6.11
N ALA B 118 -1.14 6.79 6.10
CA ALA B 118 -0.39 6.54 7.34
C ALA B 118 1.07 6.91 7.15
N ILE B 119 1.62 7.62 8.13
CA ILE B 119 2.96 8.13 8.00
C ILE B 119 3.60 8.33 9.38
N VAL B 120 4.92 8.25 9.42
CA VAL B 120 5.68 8.49 10.64
C VAL B 120 6.58 9.71 10.43
N LEU B 121 6.59 10.61 11.41
N LEU B 121 6.55 10.64 11.38
CA LEU B 121 7.44 11.77 11.38
CA LEU B 121 7.44 11.80 11.39
C LEU B 121 8.29 11.88 12.64
C LEU B 121 8.34 11.68 12.61
N LEU B 122 9.58 12.13 12.47
CA LEU B 122 10.51 12.33 13.60
C LEU B 122 10.35 13.74 14.13
N ILE B 123 10.25 13.87 15.45
CA ILE B 123 10.40 15.19 16.09
C ILE B 123 11.89 15.51 16.12
N GLY B 124 12.34 16.14 15.04
CA GLY B 124 13.76 16.32 14.72
C GLY B 124 13.97 16.81 13.31
N THR B 125 15.24 16.98 12.96
CA THR B 125 15.62 17.58 11.69
C THR B 125 15.63 16.55 10.59
N ARG B 126 15.69 17.02 9.33
CA ARG B 126 15.91 16.14 8.19
C ARG B 126 17.16 15.27 8.39
N LYS B 127 18.24 15.90 8.83
CA LYS B 127 19.53 15.23 9.02
C LYS B 127 19.42 14.12 10.08
N GLN B 128 18.75 14.43 11.18
CA GLN B 128 18.48 13.43 12.21
C GLN B 128 17.60 12.28 11.68
N ALA B 129 16.60 12.61 10.87
CA ALA B 129 15.68 11.60 10.34
C ALA B 129 16.35 10.59 9.40
N GLU B 130 17.39 11.02 8.68
CA GLU B 130 18.16 10.13 7.80
C GLU B 130 18.80 8.94 8.53
N ASN B 131 19.00 9.03 9.84
CA ASN B 131 19.54 7.93 10.62
C ASN B 131 18.52 6.81 10.90
N PHE B 132 17.26 7.01 10.53
CA PHE B 132 16.21 6.03 10.83
C PHE B 132 15.51 5.51 9.59
N ALA B 133 14.90 4.35 9.75
CA ALA B 133 13.87 3.89 8.82
C ALA B 133 12.72 3.31 9.62
N TYR B 134 11.54 3.25 9.00
CA TYR B 134 10.40 2.66 9.71
C TYR B 134 9.63 1.76 8.81
N ARG B 135 8.88 0.86 9.42
CA ARG B 135 7.99 -0.05 8.74
C ARG B 135 6.61 0.06 9.33
N LEU B 136 5.61 0.28 8.49
CA LEU B 136 4.20 0.19 8.89
C LEU B 136 3.63 -1.07 8.29
N GLU B 137 2.95 -1.87 9.10
CA GLU B 137 2.45 -3.16 8.63
C GLU B 137 1.02 -3.36 9.11
N LEU B 138 0.12 -3.60 8.17
CA LEU B 138 -1.24 -4.05 8.46
C LEU B 138 -1.17 -5.57 8.30
N ASN B 139 -1.52 -6.29 9.35
CA ASN B 139 -1.53 -7.77 9.39
C ASN B 139 -2.92 -8.28 9.54
N GLY B 140 -3.27 -9.29 8.76
CA GLY B 140 -4.65 -9.75 8.72
C GLY B 140 -4.77 -11.22 8.41
N ASN B 141 -5.99 -11.62 8.09
CA ASN B 141 -6.29 -12.98 7.70
C ASN B 141 -5.59 -13.28 6.38
N ARG B 142 -4.38 -13.81 6.48
CA ARG B 142 -3.59 -14.27 5.33
C ARG B 142 -3.31 -13.17 4.31
N ARG B 143 -3.20 -11.94 4.83
CA ARG B 143 -2.85 -10.77 4.05
C ARG B 143 -1.93 -9.88 4.87
N ARG B 144 -1.06 -9.14 4.18
N ARG B 144 -1.06 -9.13 4.19
CA ARG B 144 -0.23 -8.15 4.83
CA ARG B 144 -0.15 -8.18 4.84
C ARG B 144 0.08 -7.01 3.86
C ARG B 144 0.15 -7.02 3.89
N LEU B 145 0.01 -5.78 4.37
CA LEU B 145 0.31 -4.57 3.58
C LEU B 145 1.35 -3.81 4.35
N THR B 146 2.47 -3.52 3.70
CA THR B 146 3.63 -2.93 4.35
C THR B 146 4.15 -1.68 3.59
N TRP B 147 4.54 -0.67 4.34
CA TRP B 147 5.21 0.52 3.85
C TRP B 147 6.51 0.64 4.65
N GLU B 148 7.63 0.82 3.94
CA GLU B 148 8.93 1.10 4.53
C GLU B 148 9.50 2.37 3.92
N ALA B 149 10.01 3.27 4.76
CA ALA B 149 10.53 4.56 4.31
C ALA B 149 11.43 5.17 5.41
N THR B 150 11.97 6.34 5.10
CA THR B 150 12.63 7.16 6.09
C THR B 150 11.57 8.04 6.72
N PRO B 151 11.60 8.21 8.05
CA PRO B 151 10.63 9.12 8.63
C PRO B 151 10.75 10.54 8.12
N ARG B 152 9.64 11.24 7.95
N ARG B 152 9.61 11.21 7.99
CA ARG B 152 9.71 12.64 7.60
CA ARG B 152 9.54 12.65 7.74
C ARG B 152 10.06 13.45 8.86
C ARG B 152 10.20 13.37 8.90
N SER B 153 10.76 14.55 8.64
CA SER B 153 11.11 15.47 9.69
C SER B 153 9.91 16.40 9.94
N ILE B 154 9.86 17.02 11.11
CA ILE B 154 8.87 18.09 11.37
C ILE B 154 9.09 19.32 10.48
N HIS B 155 10.33 19.55 10.02
CA HIS B 155 10.65 20.55 8.97
C HIS B 155 9.65 20.53 7.81
N ASP B 156 9.29 19.34 7.35
CA ASP B 156 8.45 19.17 6.17
C ASP B 156 6.98 18.89 6.46
N GLY B 157 6.67 18.34 7.63
CA GLY B 157 5.26 18.19 8.03
C GLY B 157 4.46 17.08 7.35
N VAL B 158 3.27 16.84 7.91
CA VAL B 158 2.37 15.74 7.53
C VAL B 158 1.68 15.98 6.19
N ALA B 159 1.05 17.15 6.11
CA ALA B 159 0.16 17.47 5.01
C ALA B 159 0.80 17.30 3.63
N ALA B 160 2.05 17.74 3.46
CA ALA B 160 2.71 17.61 2.14
C ALA B 160 2.93 16.14 1.72
N ALA B 161 3.31 15.32 2.69
CA ALA B 161 3.51 13.90 2.43
C ALA B 161 2.26 13.23 1.94
N ILE B 162 1.14 13.54 2.59
CA ILE B 162 -0.14 13.00 2.19
C ILE B 162 -0.48 13.46 0.79
N MET B 163 -0.31 14.76 0.52
CA MET B 163 -0.65 15.32 -0.78
C MET B 163 0.17 14.73 -1.91
N ASN B 164 1.41 14.37 -1.62
CA ASN B 164 2.29 13.75 -2.61
C ASN B 164 2.35 12.22 -2.51
N SER B 165 1.36 11.62 -1.82
CA SER B 165 1.25 10.18 -1.66
C SER B 165 2.56 9.49 -1.24
N ASP B 166 3.38 10.21 -0.47
CA ASP B 166 4.66 9.71 -0.01
C ASP B 166 4.49 9.17 1.41
N CYS B 167 3.69 8.12 1.49
CA CYS B 167 3.22 7.53 2.75
C CYS B 167 2.48 6.26 2.35
N LEU B 168 1.99 5.51 3.33
CA LEU B 168 1.13 4.37 3.04
C LEU B 168 -0.26 4.87 2.72
N VAL B 169 -0.78 4.49 1.55
CA VAL B 169 -2.12 4.91 1.12
C VAL B 169 -2.97 3.67 0.93
N PHE B 170 -4.16 3.65 1.51
CA PHE B 170 -5.04 2.51 1.31
C PHE B 170 -6.50 2.83 1.29
N ASP B 171 -7.23 2.09 0.47
CA ASP B 171 -8.68 2.20 0.38
C ASP B 171 -9.37 1.81 1.68
N THR B 172 -10.54 2.39 1.87
N THR B 172 -10.56 2.37 1.88
CA THR B 172 -11.43 2.05 2.96
CA THR B 172 -11.40 2.03 3.03
C THR B 172 -11.71 0.55 3.03
C THR B 172 -11.73 0.53 3.04
N ALA B 173 -11.89 -0.09 1.87
CA ALA B 173 -12.07 -1.53 1.76
C ALA B 173 -10.87 -2.28 2.35
N ILE B 174 -9.66 -1.77 2.11
CA ILE B 174 -8.46 -2.38 2.66
C ILE B 174 -8.47 -2.28 4.18
N ALA B 175 -8.81 -1.11 4.72
CA ALA B 175 -8.93 -0.95 6.17
C ALA B 175 -9.84 -2.01 6.79
N HIS B 176 -10.97 -2.28 6.13
CA HIS B 176 -11.92 -3.30 6.59
C HIS B 176 -11.39 -4.72 6.53
N LEU B 177 -10.55 -5.06 5.53
CA LEU B 177 -9.88 -6.36 5.48
C LEU B 177 -9.03 -6.61 6.70
N PHE B 178 -8.47 -5.54 7.30
CA PHE B 178 -7.53 -5.65 8.41
C PHE B 178 -8.13 -5.29 9.75
N ALA B 179 -9.29 -4.68 9.74
CA ALA B 179 -9.92 -4.19 10.97
C ALA B 179 -10.47 -5.32 11.81
N ASP B 180 -10.54 -5.06 13.12
CA ASP B 180 -11.26 -5.92 14.05
C ASP B 180 -12.00 -5.07 15.05
N ASN B 181 -13.25 -5.44 15.35
CA ASN B 181 -14.08 -4.70 16.32
C ASN B 181 -14.28 -3.24 15.97
N GLY B 182 -14.20 -2.91 14.67
CA GLY B 182 -14.25 -1.54 14.20
C GLY B 182 -13.01 -0.69 14.42
N ASN B 183 -11.90 -1.34 14.80
CA ASN B 183 -10.63 -0.68 15.01
C ASN B 183 -9.58 -1.28 14.08
N LEU B 184 -8.50 -0.55 13.85
CA LEU B 184 -7.42 -0.98 12.97
C LEU B 184 -6.10 -0.90 13.72
N GLY B 185 -5.44 -2.05 13.85
CA GLY B 185 -4.15 -2.12 14.46
C GLY B 185 -3.08 -2.01 13.40
N ILE B 186 -2.14 -1.09 13.61
CA ILE B 186 -1.05 -0.89 12.70
C ILE B 186 0.23 -1.21 13.46
N ASN B 187 1.05 -2.12 12.95
CA ASN B 187 2.33 -2.41 13.60
C ASN B 187 3.34 -1.40 13.10
N VAL B 188 4.06 -0.75 13.99
CA VAL B 188 5.05 0.26 13.62
C VAL B 188 6.38 -0.16 14.24
N THR B 189 7.37 -0.31 13.37
CA THR B 189 8.73 -0.64 13.77
C THR B 189 9.65 0.48 13.35
N ILE B 190 10.46 0.97 14.27
CA ILE B 190 11.50 1.96 13.98
C ILE B 190 12.83 1.23 14.04
N SER B 191 13.68 1.52 13.08
CA SER B 191 14.98 0.90 12.91
C SER B 191 16.09 1.95 12.91
N THR B 192 17.20 1.66 13.59
CA THR B 192 18.39 2.51 13.46
C THR B 192 19.64 1.65 13.40
#